data_2JH1
#
_entry.id   2JH1
#
_cell.length_a   66.192
_cell.length_b   66.192
_cell.length_c   172.299
_cell.angle_alpha   90.00
_cell.angle_beta   90.00
_cell.angle_gamma   90.00
#
_symmetry.space_group_name_H-M   'P 43 21 2'
#
loop_
_entity.id
_entity.type
_entity.pdbx_description
1 polymer 'MICRONEMAL PROTEIN 1'
2 non-polymer 'ACETATE ION'
3 non-polymer 'CHLORIDE ION'
4 non-polymer GLYCEROL
5 water water
#
_entity_poly.entity_id   1
_entity_poly.type   'polypeptide(L)'
_entity_poly.pdbx_seq_one_letter_code
;VGPEAYGEASHSHSPASGRYIQQMLDQRCQEIAAELCQSGLRKMCVPSSRIVARNAVGITHQNTLQWRCFDTASLLESNQ
ENNGVNCVDDCGHTIPCPGGVHRQNSNHATRHEILSKLVEEGVQRFCSPYQASANKYCNDKFPGTIARRSKGFGNNVEVA
WRCYEKASLLYSVYAECASNCGTTWYCPGGRRGTSTELDKRHYTEEEGIRQAIGSVDSPCSEVEVCLPKDENPPLCLDES
GQISRT
;
_entity_poly.pdbx_strand_id   A
#
loop_
_chem_comp.id
_chem_comp.type
_chem_comp.name
_chem_comp.formula
ACT non-polymer 'ACETATE ION' 'C2 H3 O2 -1'
CL non-polymer 'CHLORIDE ION' 'Cl -1'
GOL non-polymer GLYCEROL 'C3 H8 O3'
#
# COMPACT_ATOMS: atom_id res chain seq x y z
N SER A 12 11.29 2.36 20.14
CA SER A 12 11.64 0.99 19.61
C SER A 12 10.77 0.54 18.41
N HIS A 13 9.45 0.51 18.56
CA HIS A 13 8.54 0.22 17.43
CA HIS A 13 8.57 0.23 17.41
C HIS A 13 7.70 1.43 16.99
N SER A 14 7.69 1.67 15.69
CA SER A 14 7.15 2.88 15.11
C SER A 14 5.64 2.78 14.81
N PRO A 15 4.89 3.92 14.87
CA PRO A 15 3.45 3.88 14.50
C PRO A 15 3.30 3.88 12.97
N ALA A 16 3.72 2.79 12.34
CA ALA A 16 3.85 2.81 10.88
C ALA A 16 3.49 1.42 10.35
N SER A 17 2.91 1.37 9.14
CA SER A 17 2.68 0.11 8.46
C SER A 17 3.93 -0.76 8.34
N GLY A 18 3.79 -2.07 8.64
CA GLY A 18 4.92 -3.00 8.42
C GLY A 18 5.02 -3.48 6.98
N ARG A 19 4.06 -3.06 6.12
CA ARG A 19 4.03 -3.50 4.69
C ARG A 19 4.02 -5.05 4.63
N TYR A 20 3.21 -5.64 5.50
CA TYR A 20 3.14 -7.09 5.66
C TYR A 20 2.60 -7.77 4.40
N ILE A 21 1.61 -7.16 3.74
CA ILE A 21 1.10 -7.81 2.52
C ILE A 21 2.21 -7.92 1.47
N GLN A 22 2.82 -6.78 1.18
CA GLN A 22 3.92 -6.78 0.22
C GLN A 22 5.04 -7.78 0.57
N GLN A 23 5.42 -7.84 1.85
CA GLN A 23 6.39 -8.85 2.28
C GLN A 23 5.94 -10.30 1.95
N MET A 24 4.66 -10.63 2.18
CA MET A 24 4.13 -11.97 1.88
C MET A 24 4.19 -12.26 0.39
N LEU A 25 3.78 -11.27 -0.41
CA LEU A 25 3.83 -11.40 -1.87
C LEU A 25 5.25 -11.60 -2.38
N ASP A 26 6.21 -10.86 -1.84
CA ASP A 26 7.58 -11.09 -2.30
C ASP A 26 8.04 -12.54 -1.97
N GLN A 27 7.76 -13.01 -0.74
CA GLN A 27 8.19 -14.39 -0.35
C GLN A 27 7.49 -15.44 -1.24
N ARG A 28 6.20 -15.23 -1.52
CA ARG A 28 5.46 -16.14 -2.41
C ARG A 28 6.13 -16.16 -3.80
N CYS A 29 6.46 -14.96 -4.31
CA CYS A 29 7.14 -14.86 -5.62
C CYS A 29 8.49 -15.53 -5.63
N GLN A 30 9.23 -15.45 -4.50
CA GLN A 30 10.53 -16.12 -4.40
C GLN A 30 10.37 -17.67 -4.48
N GLU A 31 9.34 -18.19 -3.84
CA GLU A 31 9.00 -19.59 -3.93
C GLU A 31 8.62 -19.97 -5.38
N ILE A 32 7.81 -19.13 -6.03
CA ILE A 32 7.36 -19.39 -7.43
C ILE A 32 8.53 -19.43 -8.40
N ALA A 33 9.44 -18.45 -8.27
CA ALA A 33 10.63 -18.41 -9.12
C ALA A 33 11.46 -19.73 -8.91
N ALA A 34 11.69 -20.10 -7.64
CA ALA A 34 12.35 -21.37 -7.30
C ALA A 34 11.66 -22.63 -7.91
N GLU A 35 10.32 -22.69 -7.87
CA GLU A 35 9.57 -23.77 -8.52
C GLU A 35 9.81 -23.79 -10.02
N LEU A 36 9.73 -22.62 -10.65
CA LEU A 36 9.95 -22.51 -12.10
C LEU A 36 11.38 -22.88 -12.49
N CYS A 37 12.35 -22.45 -11.69
CA CYS A 37 13.73 -22.88 -11.87
C CYS A 37 13.83 -24.44 -11.88
N GLN A 38 13.15 -25.09 -10.93
CA GLN A 38 13.13 -26.55 -10.85
C GLN A 38 12.41 -27.18 -12.05
N SER A 39 11.50 -26.45 -12.68
CA SER A 39 10.89 -26.90 -13.94
C SER A 39 11.76 -26.68 -15.19
N GLY A 40 12.95 -26.10 -15.01
CA GLY A 40 13.89 -25.87 -16.11
C GLY A 40 13.96 -24.42 -16.61
N LEU A 41 13.18 -23.51 -16.01
CA LEU A 41 13.13 -22.14 -16.53
C LEU A 41 14.35 -21.42 -16.01
N ARG A 42 15.41 -21.43 -16.82
CA ARG A 42 16.78 -21.09 -16.36
C ARG A 42 16.87 -19.69 -15.77
N LYS A 43 16.22 -18.74 -16.43
CA LYS A 43 16.23 -17.34 -15.99
C LYS A 43 15.62 -17.07 -14.62
N MET A 44 14.83 -18.02 -14.09
CA MET A 44 14.23 -17.91 -12.78
C MET A 44 15.06 -18.53 -11.64
N CYS A 45 16.26 -19.04 -11.97
CA CYS A 45 17.14 -19.65 -10.99
C CYS A 45 17.99 -18.56 -10.37
N VAL A 46 17.56 -17.94 -9.29
CA VAL A 46 18.18 -16.71 -8.78
C VAL A 46 18.09 -16.75 -7.26
N PRO A 47 18.94 -16.00 -6.56
CA PRO A 47 18.75 -15.79 -5.09
C PRO A 47 17.49 -14.95 -4.85
N SER A 48 16.91 -15.05 -3.65
CA SER A 48 15.62 -14.41 -3.35
CA SER A 48 15.62 -14.41 -3.38
C SER A 48 15.71 -12.89 -3.39
N SER A 49 16.92 -12.35 -3.20
CA SER A 49 17.11 -10.88 -3.31
C SER A 49 16.81 -10.36 -4.70
N ARG A 50 16.83 -11.23 -5.72
CA ARG A 50 16.49 -10.82 -7.09
C ARG A 50 14.96 -10.80 -7.41
N ILE A 51 14.13 -11.27 -6.48
CA ILE A 51 12.72 -11.52 -6.82
C ILE A 51 11.79 -10.74 -5.93
N VAL A 52 10.90 -9.94 -6.58
CA VAL A 52 9.83 -9.19 -5.90
C VAL A 52 8.48 -9.37 -6.62
N ALA A 53 7.36 -9.18 -5.92
CA ALA A 53 6.04 -9.13 -6.54
C ALA A 53 5.77 -7.66 -6.91
N ARG A 54 5.40 -7.39 -8.15
CA ARG A 54 4.88 -6.02 -8.47
C ARG A 54 3.60 -6.15 -9.28
N ASN A 55 2.76 -5.14 -9.17
CA ASN A 55 1.54 -5.10 -9.92
C ASN A 55 1.81 -4.11 -11.06
N ALA A 56 1.71 -4.58 -12.29
CA ALA A 56 2.25 -3.80 -13.41
C ALA A 56 1.85 -4.39 -14.74
N VAL A 57 2.11 -3.64 -15.82
CA VAL A 57 2.13 -4.24 -17.17
C VAL A 57 3.23 -5.35 -17.28
N GLY A 58 3.16 -6.15 -18.35
CA GLY A 58 4.24 -7.12 -18.62
C GLY A 58 5.04 -6.72 -19.87
N ILE A 59 5.40 -7.72 -20.67
CA ILE A 59 6.05 -7.42 -21.96
C ILE A 59 5.00 -6.92 -22.97
N THR A 60 5.43 -6.64 -24.20
CA THR A 60 4.50 -6.20 -25.25
C THR A 60 3.20 -7.03 -25.30
N HIS A 61 2.06 -6.34 -25.36
CA HIS A 61 0.70 -6.95 -25.37
C HIS A 61 0.22 -7.33 -23.99
N GLN A 62 1.11 -7.35 -22.99
CA GLN A 62 0.61 -7.60 -21.64
C GLN A 62 0.33 -6.23 -21.05
N ASN A 63 -0.83 -5.67 -21.40
CA ASN A 63 -1.06 -4.25 -21.16
C ASN A 63 -1.98 -3.99 -20.00
N THR A 64 -2.38 -4.99 -19.24
CA THR A 64 -3.21 -4.71 -18.07
C THR A 64 -2.32 -4.78 -16.81
N LEU A 65 -2.77 -4.18 -15.71
CA LEU A 65 -2.07 -4.34 -14.42
C LEU A 65 -2.36 -5.72 -13.88
N GLN A 66 -1.32 -6.48 -13.66
CA GLN A 66 -1.47 -7.80 -13.08
C GLN A 66 -0.40 -7.95 -12.04
N TRP A 67 -0.65 -8.83 -11.08
CA TRP A 67 0.41 -9.22 -10.13
C TRP A 67 1.34 -10.20 -10.80
N ARG A 68 2.63 -9.88 -10.80
CA ARG A 68 3.65 -10.68 -11.44
C ARG A 68 4.90 -10.74 -10.55
N CYS A 69 5.66 -11.83 -10.68
CA CYS A 69 6.93 -12.03 -9.97
C CYS A 69 8.06 -11.60 -10.88
N PHE A 70 8.76 -10.53 -10.51
CA PHE A 70 9.81 -9.92 -11.33
C PHE A 70 11.19 -10.20 -10.79
N ASP A 71 12.11 -10.44 -11.72
CA ASP A 71 13.54 -10.41 -11.46
C ASP A 71 13.92 -8.92 -11.50
N THR A 72 14.35 -8.39 -10.35
CA THR A 72 14.73 -6.97 -10.24
C THR A 72 15.87 -6.57 -11.20
N ALA A 73 16.72 -7.51 -11.61
CA ALA A 73 17.80 -7.18 -12.56
C ALA A 73 17.22 -6.89 -13.92
N SER A 74 15.97 -7.28 -14.17
CA SER A 74 15.31 -6.92 -15.43
C SER A 74 14.47 -5.63 -15.42
N LEU A 75 14.31 -4.98 -14.26
CA LEU A 75 13.50 -3.77 -14.19
C LEU A 75 14.33 -2.58 -14.62
N LEU A 76 13.69 -1.60 -15.26
CA LEU A 76 14.32 -0.30 -15.53
C LEU A 76 14.37 0.55 -14.24
N GLU A 77 15.39 1.40 -14.14
CA GLU A 77 15.52 2.33 -13.00
C GLU A 77 14.38 3.32 -12.98
N SER A 78 13.94 3.74 -14.14
CA SER A 78 12.80 4.63 -14.16
C SER A 78 11.75 4.10 -15.12
N ASN A 79 10.58 4.73 -15.10
CA ASN A 79 9.54 4.37 -16.02
C ASN A 79 9.02 5.59 -16.77
N GLN A 80 8.33 5.34 -17.88
CA GLN A 80 7.49 6.33 -18.53
C GLN A 80 6.02 6.17 -18.02
N GLU A 81 5.07 6.71 -18.78
N GLU A 81 5.04 6.67 -18.76
CA GLU A 81 3.66 6.43 -18.57
CA GLU A 81 3.65 6.74 -18.27
C GLU A 81 3.44 4.96 -18.91
C GLU A 81 2.96 5.40 -17.99
N ASN A 82 2.43 4.36 -18.30
N ASN A 82 3.15 4.42 -18.87
CA ASN A 82 2.12 2.97 -18.60
CA ASN A 82 2.35 3.18 -18.84
C ASN A 82 2.96 1.97 -17.81
C ASN A 82 2.98 2.00 -18.09
N ASN A 83 4.30 2.05 -17.92
CA ASN A 83 5.14 0.93 -17.44
C ASN A 83 5.79 1.00 -16.06
N GLY A 84 5.30 1.87 -15.18
CA GLY A 84 5.81 1.92 -13.79
C GLY A 84 5.38 0.68 -13.03
N VAL A 85 6.16 0.22 -12.07
CA VAL A 85 5.70 -0.90 -11.24
C VAL A 85 4.97 -0.36 -9.97
N ASN A 86 4.09 -1.19 -9.43
CA ASN A 86 3.32 -0.85 -8.22
C ASN A 86 3.56 -1.88 -7.09
N CYS A 87 3.62 -1.38 -5.87
CA CYS A 87 3.63 -2.24 -4.68
C CYS A 87 2.25 -2.08 -4.05
N VAL A 88 2.00 -2.69 -2.91
CA VAL A 88 0.66 -2.72 -2.30
C VAL A 88 0.72 -2.32 -0.82
N ASP A 89 -0.25 -1.52 -0.38
CA ASP A 89 -0.28 -1.10 1.02
C ASP A 89 -1.02 -2.22 1.78
N ASP A 90 -1.16 -2.08 3.09
CA ASP A 90 -1.73 -3.12 3.89
C ASP A 90 -3.25 -3.12 3.88
N CYS A 91 -3.85 -2.23 3.08
CA CYS A 91 -5.29 -2.29 2.80
C CYS A 91 -5.55 -2.81 1.37
N GLY A 92 -4.48 -3.29 0.75
CA GLY A 92 -4.58 -3.97 -0.54
C GLY A 92 -4.63 -3.01 -1.73
N HIS A 93 -4.25 -1.76 -1.55
CA HIS A 93 -4.22 -0.84 -2.70
C HIS A 93 -2.86 -0.75 -3.36
N THR A 94 -2.84 -0.77 -4.69
CA THR A 94 -1.56 -0.73 -5.43
C THR A 94 -1.14 0.69 -5.65
N ILE A 95 0.14 0.96 -5.43
CA ILE A 95 0.72 2.30 -5.39
C ILE A 95 2.10 2.25 -6.05
N PRO A 96 2.46 3.25 -6.89
CA PRO A 96 3.76 3.30 -7.59
C PRO A 96 4.98 3.14 -6.68
N CYS A 97 5.84 2.18 -7.06
CA CYS A 97 7.12 1.85 -6.41
CA CYS A 97 7.10 2.09 -6.35
C CYS A 97 8.24 2.17 -7.37
N PRO A 98 9.49 2.30 -6.90
CA PRO A 98 10.53 2.62 -7.92
C PRO A 98 10.68 1.59 -9.04
N GLY A 99 10.81 2.05 -10.27
CA GLY A 99 11.20 1.12 -11.33
C GLY A 99 10.18 1.06 -12.43
N GLY A 100 10.59 0.44 -13.53
CA GLY A 100 9.71 0.28 -14.65
C GLY A 100 9.98 -1.04 -15.36
N VAL A 101 8.96 -1.51 -16.06
CA VAL A 101 8.98 -2.75 -16.82
C VAL A 101 9.67 -2.47 -18.15
N HIS A 102 10.71 -3.24 -18.44
CA HIS A 102 11.28 -3.27 -19.80
C HIS A 102 10.35 -4.12 -20.70
N ARG A 103 9.66 -3.47 -21.63
CA ARG A 103 8.58 -4.13 -22.36
C ARG A 103 9.05 -5.23 -23.31
N GLN A 104 10.34 -5.26 -23.65
CA GLN A 104 10.82 -6.39 -24.45
C GLN A 104 11.59 -7.39 -23.62
N ASN A 105 12.32 -6.89 -22.64
CA ASN A 105 13.29 -7.68 -21.93
C ASN A 105 12.89 -8.14 -20.53
N SER A 106 11.67 -7.87 -20.09
CA SER A 106 11.32 -8.19 -18.69
C SER A 106 11.50 -9.69 -18.40
N ASN A 107 12.04 -10.02 -17.22
CA ASN A 107 12.07 -11.40 -16.76
C ASN A 107 11.08 -11.52 -15.62
N HIS A 108 9.89 -12.04 -15.92
CA HIS A 108 8.85 -12.14 -14.91
C HIS A 108 7.91 -13.31 -15.12
N ALA A 109 7.15 -13.62 -14.10
CA ALA A 109 6.13 -14.64 -14.20
C ALA A 109 4.82 -14.11 -13.64
N THR A 110 3.78 -14.08 -14.45
CA THR A 110 2.51 -13.50 -14.04
C THR A 110 1.77 -14.52 -13.18
N ARG A 111 1.36 -14.09 -11.98
CA ARG A 111 0.68 -14.98 -11.05
C ARG A 111 -0.45 -14.28 -10.38
N HIS A 112 -1.38 -13.77 -11.20
CA HIS A 112 -2.33 -12.82 -10.73
C HIS A 112 -3.32 -13.41 -9.74
N GLU A 113 -3.76 -14.64 -9.97
CA GLU A 113 -4.76 -15.27 -9.05
C GLU A 113 -4.17 -15.53 -7.63
N ILE A 114 -3.05 -16.23 -7.54
CA ILE A 114 -2.52 -16.54 -6.22
C ILE A 114 -2.11 -15.26 -5.44
N LEU A 115 -1.50 -14.31 -6.12
CA LEU A 115 -1.05 -13.08 -5.46
C LEU A 115 -2.25 -12.22 -5.02
N SER A 116 -3.27 -12.16 -5.88
CA SER A 116 -4.53 -11.48 -5.50
C SER A 116 -5.17 -12.09 -4.28
N LYS A 117 -5.16 -13.43 -4.21
CA LYS A 117 -5.75 -14.13 -3.07
C LYS A 117 -4.99 -13.81 -1.78
N LEU A 118 -3.66 -13.81 -1.86
CA LEU A 118 -2.82 -13.41 -0.72
C LEU A 118 -3.09 -11.95 -0.28
N VAL A 119 -3.26 -11.02 -1.23
CA VAL A 119 -3.66 -9.66 -0.88
C VAL A 119 -4.99 -9.65 -0.10
N GLU A 120 -6.02 -10.27 -0.66
CA GLU A 120 -7.32 -10.40 0.03
C GLU A 120 -7.21 -10.95 1.45
N GLU A 121 -6.50 -12.05 1.63
CA GLU A 121 -6.25 -12.59 2.98
C GLU A 121 -5.50 -11.58 3.87
N GLY A 122 -4.49 -10.91 3.33
CA GLY A 122 -3.71 -9.97 4.10
C GLY A 122 -4.49 -8.72 4.53
N VAL A 123 -5.41 -8.26 3.68
CA VAL A 123 -6.31 -7.14 4.02
C VAL A 123 -7.10 -7.44 5.30
N GLN A 124 -7.63 -8.64 5.44
CA GLN A 124 -8.36 -9.02 6.66
C GLN A 124 -7.50 -8.88 7.92
N ARG A 125 -6.26 -9.33 7.84
CA ARG A 125 -5.33 -9.20 8.96
C ARG A 125 -4.81 -7.78 9.27
N PHE A 126 -4.46 -7.02 8.23
CA PHE A 126 -3.58 -5.88 8.40
C PHE A 126 -4.23 -4.52 8.13
N CYS A 127 -5.41 -4.50 7.53
CA CYS A 127 -6.04 -3.23 7.15
C CYS A 127 -6.83 -2.62 8.32
N SER A 128 -6.44 -1.42 8.76
CA SER A 128 -7.19 -0.73 9.82
C SER A 128 -8.65 -0.50 9.36
N PRO A 129 -9.63 -0.94 10.19
CA PRO A 129 -11.01 -0.60 9.80
C PRO A 129 -11.28 0.90 9.66
N TYR A 130 -10.52 1.74 10.38
CA TYR A 130 -10.70 3.19 10.29
C TYR A 130 -10.17 3.68 8.94
N GLN A 131 -9.02 3.14 8.53
CA GLN A 131 -8.45 3.43 7.20
C GLN A 131 -9.34 2.92 6.07
N ALA A 132 -9.88 1.70 6.25
CA ALA A 132 -10.82 1.05 5.30
C ALA A 132 -12.05 1.95 5.02
N SER A 133 -12.61 2.49 6.10
CA SER A 133 -13.72 3.44 6.01
C SER A 133 -13.37 4.69 5.21
N ALA A 134 -12.24 5.32 5.56
CA ALA A 134 -11.74 6.47 4.80
C ALA A 134 -11.51 6.12 3.33
N ASN A 135 -10.94 4.93 3.07
CA ASN A 135 -10.65 4.52 1.68
C ASN A 135 -11.97 4.28 0.92
N LYS A 136 -12.96 3.74 1.61
CA LYS A 136 -14.26 3.45 0.99
CA LYS A 136 -14.31 3.45 1.04
C LYS A 136 -15.00 4.75 0.63
N TYR A 137 -14.98 5.72 1.54
CA TYR A 137 -15.48 7.04 1.26
C TYR A 137 -14.89 7.60 -0.03
N CYS A 138 -13.55 7.57 -0.13
CA CYS A 138 -12.85 8.18 -1.27
C CYS A 138 -13.21 7.47 -2.57
N ASN A 139 -13.20 6.14 -2.55
CA ASN A 139 -13.46 5.34 -3.75
C ASN A 139 -14.93 5.43 -4.20
N ASP A 140 -15.84 5.52 -3.23
CA ASP A 140 -17.25 5.77 -3.53
C ASP A 140 -17.39 7.09 -4.25
N LYS A 141 -16.75 8.13 -3.73
CA LYS A 141 -16.89 9.46 -4.30
C LYS A 141 -16.07 9.66 -5.57
N PHE A 142 -14.82 9.14 -5.56
CA PHE A 142 -13.89 9.33 -6.66
C PHE A 142 -13.24 7.98 -6.90
N PRO A 143 -13.84 7.20 -7.82
CA PRO A 143 -13.37 5.83 -8.03
C PRO A 143 -11.88 5.74 -8.28
N GLY A 144 -11.24 4.79 -7.62
CA GLY A 144 -9.83 4.61 -7.85
C GLY A 144 -8.97 5.32 -6.82
N THR A 145 -9.54 6.23 -6.03
CA THR A 145 -8.71 6.98 -5.06
C THR A 145 -8.61 6.30 -3.66
N ILE A 146 -7.59 6.68 -2.89
CA ILE A 146 -7.47 6.23 -1.50
C ILE A 146 -7.18 7.45 -0.60
N ALA A 147 -7.41 7.29 0.71
CA ALA A 147 -7.30 8.42 1.65
C ALA A 147 -5.87 8.46 2.24
N ARG A 148 -5.26 9.63 2.29
CA ARG A 148 -4.05 9.86 3.11
C ARG A 148 -4.19 11.28 3.64
N ARG A 149 -3.52 11.57 4.76
CA ARG A 149 -3.33 12.94 5.21
C ARG A 149 -1.96 13.38 4.80
N SER A 150 -1.86 14.07 3.66
CA SER A 150 -0.59 14.30 3.05
C SER A 150 -0.61 15.61 2.25
N LYS A 151 0.44 15.83 1.47
CA LYS A 151 0.65 17.09 0.78
C LYS A 151 -0.22 17.22 -0.49
N GLY A 152 -0.42 18.47 -0.90
CA GLY A 152 -1.15 18.74 -2.16
C GLY A 152 -0.17 19.26 -3.20
N PHE A 153 -0.67 20.11 -4.11
CA PHE A 153 0.13 20.55 -5.25
C PHE A 153 0.95 21.76 -4.86
N GLY A 154 2.28 21.70 -5.06
CA GLY A 154 3.14 22.89 -4.91
C GLY A 154 3.27 23.45 -3.51
N ASN A 155 3.22 22.56 -2.52
CA ASN A 155 3.31 22.95 -1.12
C ASN A 155 3.81 21.68 -0.42
N ASN A 156 5.04 21.73 0.03
CA ASN A 156 5.67 20.57 0.68
C ASN A 156 5.58 20.61 2.22
N VAL A 157 4.74 21.49 2.76
CA VAL A 157 4.52 21.54 4.20
C VAL A 157 3.14 21.07 4.61
N GLU A 158 2.10 21.70 4.07
CA GLU A 158 0.73 21.51 4.56
C GLU A 158 0.16 20.10 4.27
N VAL A 159 -0.44 19.46 5.29
CA VAL A 159 -1.09 18.18 5.07
C VAL A 159 -2.59 18.37 5.33
N ALA A 160 -3.42 17.56 4.66
CA ALA A 160 -4.87 17.53 4.83
C ALA A 160 -5.30 16.14 4.39
N TRP A 161 -6.43 15.67 4.90
CA TRP A 161 -7.05 14.49 4.37
C TRP A 161 -7.63 14.69 2.96
N ARG A 162 -7.13 13.87 2.03
CA ARG A 162 -7.55 13.98 0.63
C ARG A 162 -7.74 12.60 0.07
N CYS A 163 -8.57 12.54 -0.99
CA CYS A 163 -8.73 11.40 -1.83
C CYS A 163 -7.75 11.51 -2.97
N TYR A 164 -6.74 10.62 -2.96
CA TYR A 164 -5.61 10.70 -3.90
C TYR A 164 -5.73 9.65 -4.96
N GLU A 165 -5.53 10.04 -6.22
CA GLU A 165 -5.35 9.06 -7.30
CA GLU A 165 -5.41 9.01 -7.25
C GLU A 165 -4.12 8.22 -6.97
N LYS A 166 -4.24 6.89 -6.98
CA LYS A 166 -3.10 6.07 -6.57
C LYS A 166 -1.85 6.33 -7.37
N ALA A 167 -1.99 6.61 -8.67
CA ALA A 167 -0.81 6.85 -9.53
C ALA A 167 -0.02 8.09 -9.15
N SER A 168 -0.63 8.95 -8.32
CA SER A 168 0.05 10.18 -7.86
C SER A 168 0.84 9.95 -6.58
N LEU A 169 0.69 8.76 -5.95
CA LEU A 169 1.42 8.48 -4.69
C LEU A 169 2.76 7.78 -4.90
N LEU A 170 3.64 7.90 -3.90
CA LEU A 170 4.96 7.29 -3.92
C LEU A 170 4.99 6.31 -2.77
N TYR A 171 5.17 5.04 -3.09
CA TYR A 171 5.21 4.01 -2.06
C TYR A 171 6.38 4.22 -1.08
N SER A 172 7.52 4.73 -1.55
CA SER A 172 8.68 5.01 -0.68
CA SER A 172 8.68 5.01 -0.68
C SER A 172 8.44 6.16 0.30
N VAL A 173 7.40 6.97 0.06
CA VAL A 173 7.10 8.12 0.96
C VAL A 173 6.01 7.72 1.91
N TYR A 174 6.30 7.72 3.22
CA TYR A 174 5.22 7.42 4.18
C TYR A 174 4.40 8.69 4.44
N ALA A 175 3.08 8.56 4.58
CA ALA A 175 2.22 9.66 4.88
C ALA A 175 1.18 9.19 5.91
N GLU A 176 0.56 10.15 6.59
CA GLU A 176 -0.39 9.81 7.66
C GLU A 176 -1.59 9.02 7.12
N CYS A 177 -1.96 7.99 7.90
CA CYS A 177 -3.17 7.23 7.64
C CYS A 177 -3.77 6.90 9.01
N ALA A 178 -4.93 6.26 9.05
CA ALA A 178 -5.65 6.05 10.32
C ALA A 178 -5.24 4.70 10.95
N SER A 179 -4.79 4.68 12.21
CA SER A 179 -4.50 3.43 12.89
C SER A 179 -5.79 2.61 13.16
N ASN A 180 -5.64 1.38 13.63
CA ASN A 180 -6.81 0.56 13.98
C ASN A 180 -7.47 0.97 15.33
N CYS A 181 -7.01 2.09 15.89
CA CYS A 181 -7.72 2.77 16.99
C CYS A 181 -8.21 4.16 16.55
N GLY A 182 -8.08 4.50 15.27
CA GLY A 182 -8.52 5.82 14.79
C GLY A 182 -7.59 6.91 15.28
N THR A 183 -6.29 6.57 15.43
CA THR A 183 -5.27 7.49 15.91
C THR A 183 -4.18 7.66 14.83
N THR A 184 -3.24 8.57 15.07
CA THR A 184 -2.22 8.88 14.08
C THR A 184 -1.40 7.58 13.72
N TRP A 185 -1.23 7.32 12.42
CA TRP A 185 -0.38 6.20 11.92
C TRP A 185 0.23 6.70 10.60
N TYR A 186 1.19 5.96 10.08
CA TYR A 186 1.85 6.33 8.80
C TYR A 186 1.92 5.08 7.92
N CYS A 187 1.71 5.32 6.62
CA CYS A 187 1.56 4.24 5.66
C CYS A 187 2.37 4.60 4.44
N PRO A 188 2.86 3.57 3.71
CA PRO A 188 3.49 3.86 2.43
C PRO A 188 2.47 4.42 1.47
N GLY A 189 2.91 5.28 0.57
CA GLY A 189 2.00 5.89 -0.40
C GLY A 189 1.73 7.32 0.07
N GLY A 190 2.64 8.24 -0.29
CA GLY A 190 2.60 9.61 0.18
C GLY A 190 2.94 10.59 -0.94
N ARG A 191 2.82 11.88 -0.64
CA ARG A 191 3.19 12.97 -1.57
C ARG A 191 4.43 13.74 -1.10
N ARG A 192 5.17 14.27 -2.07
CA ARG A 192 6.31 15.14 -1.78
C ARG A 192 5.88 16.65 -1.69
N GLY A 193 4.69 17.01 -2.19
CA GLY A 193 4.28 18.44 -2.22
C GLY A 193 4.97 19.14 -3.39
N THR A 194 5.51 18.37 -4.33
CA THR A 194 6.15 18.97 -5.52
C THR A 194 5.14 19.54 -6.50
N SER A 195 5.62 20.11 -7.61
CA SER A 195 4.70 20.76 -8.57
C SER A 195 4.62 20.10 -9.93
N THR A 196 4.58 18.78 -9.97
CA THR A 196 4.38 18.09 -11.25
C THR A 196 2.89 17.91 -11.53
N GLU A 197 2.54 17.54 -12.76
CA GLU A 197 1.12 17.25 -13.10
CA GLU A 197 1.12 17.29 -13.05
C GLU A 197 0.49 16.23 -12.14
N LEU A 198 1.25 15.17 -11.84
CA LEU A 198 0.76 14.12 -10.94
C LEU A 198 0.39 14.70 -9.57
N ASP A 199 1.17 15.67 -9.10
CA ASP A 199 0.87 16.40 -7.84
C ASP A 199 -0.49 17.07 -7.75
N LYS A 200 -1.21 17.19 -8.88
CA LYS A 200 -2.57 17.73 -8.87
C LYS A 200 -3.67 16.69 -8.65
N ARG A 201 -3.32 15.39 -8.72
CA ARG A 201 -4.31 14.35 -8.84
C ARG A 201 -4.85 13.83 -7.50
N HIS A 202 -5.72 14.66 -6.91
CA HIS A 202 -6.35 14.40 -5.61
C HIS A 202 -7.55 15.37 -5.39
N TYR A 203 -8.40 15.03 -4.43
CA TYR A 203 -9.52 15.84 -4.04
C TYR A 203 -9.46 15.93 -2.55
N THR A 204 -9.30 17.16 -2.05
CA THR A 204 -9.24 17.36 -0.61
C THR A 204 -10.63 17.25 -0.03
N GLU A 205 -10.76 16.40 0.97
CA GLU A 205 -12.07 16.11 1.54
C GLU A 205 -11.96 16.01 3.06
N GLU A 206 -11.59 17.10 3.72
CA GLU A 206 -11.36 17.05 5.16
C GLU A 206 -12.58 16.59 5.92
N GLU A 207 -13.74 17.18 5.64
CA GLU A 207 -14.92 16.85 6.43
C GLU A 207 -15.44 15.47 6.18
N GLY A 208 -15.51 15.09 4.90
CA GLY A 208 -15.99 13.78 4.50
C GLY A 208 -15.12 12.63 5.01
N ILE A 209 -13.80 12.80 4.93
CA ILE A 209 -12.92 11.71 5.38
C ILE A 209 -12.97 11.62 6.91
N ARG A 210 -12.95 12.77 7.57
CA ARG A 210 -13.03 12.76 9.02
C ARG A 210 -14.32 12.14 9.53
N GLN A 211 -15.42 12.37 8.80
CA GLN A 211 -16.71 11.82 9.18
C GLN A 211 -16.68 10.32 8.98
N ALA A 212 -16.13 9.88 7.85
CA ALA A 212 -15.95 8.42 7.59
C ALA A 212 -15.13 7.73 8.68
N ILE A 213 -14.05 8.36 9.11
CA ILE A 213 -13.21 7.81 10.20
C ILE A 213 -14.02 7.71 11.54
N GLY A 214 -14.66 8.82 11.90
CA GLY A 214 -15.44 8.95 13.14
C GLY A 214 -16.65 8.02 13.19
N SER A 215 -17.06 7.52 12.03
CA SER A 215 -18.23 6.63 11.94
C SER A 215 -17.89 5.16 12.28
N VAL A 216 -16.61 4.81 12.41
CA VAL A 216 -16.23 3.43 12.63
C VAL A 216 -16.44 3.11 14.09
N ASP A 217 -16.96 1.92 14.39
CA ASP A 217 -17.11 1.49 15.78
C ASP A 217 -15.83 0.96 16.36
N SER A 218 -15.53 1.39 17.59
CA SER A 218 -14.32 0.96 18.24
C SER A 218 -14.28 -0.54 18.48
N PRO A 219 -13.10 -1.15 18.35
CA PRO A 219 -12.98 -2.55 18.70
C PRO A 219 -12.96 -2.74 20.23
N CYS A 220 -12.89 -1.65 20.99
CA CYS A 220 -12.78 -1.72 22.45
C CYS A 220 -14.05 -1.21 23.07
N SER A 221 -14.32 -1.64 24.30
CA SER A 221 -15.48 -1.12 25.03
C SER A 221 -15.18 0.29 25.48
N GLU A 222 -16.17 0.97 26.02
CA GLU A 222 -15.88 2.31 26.48
C GLU A 222 -15.20 2.31 27.85
N VAL A 223 -14.95 1.12 28.39
CA VAL A 223 -14.14 0.99 29.62
C VAL A 223 -12.75 0.40 29.32
N GLU A 224 -12.34 0.55 28.07
CA GLU A 224 -11.04 0.07 27.62
C GLU A 224 -10.32 1.18 26.81
N VAL A 225 -9.00 1.19 26.92
CA VAL A 225 -8.15 2.09 26.16
C VAL A 225 -7.61 1.32 24.95
N CYS A 226 -7.80 1.89 23.78
CA CYS A 226 -7.39 1.30 22.52
C CYS A 226 -5.93 1.70 22.26
N LEU A 227 -5.04 0.70 22.26
CA LEU A 227 -3.65 0.89 21.84
C LEU A 227 -3.43 0.24 20.47
N PRO A 228 -3.14 1.06 19.44
CA PRO A 228 -3.09 0.53 18.05
C PRO A 228 -1.93 -0.41 17.79
N LYS A 229 -2.10 -1.31 16.83
CA LYS A 229 -1.07 -2.26 16.44
C LYS A 229 -1.09 -2.30 14.92
N ASP A 230 0.00 -2.79 14.32
CA ASP A 230 0.15 -2.93 12.87
CA ASP A 230 0.01 -2.87 12.86
C ASP A 230 -0.63 -4.15 12.29
N GLU A 231 -1.43 -4.83 13.11
CA GLU A 231 -2.24 -5.94 12.70
C GLU A 231 -3.48 -5.88 13.58
N ASN A 232 -4.62 -6.27 13.03
CA ASN A 232 -5.88 -6.31 13.77
C ASN A 232 -5.91 -7.58 14.66
N PRO A 233 -6.52 -7.49 15.85
CA PRO A 233 -7.13 -6.28 16.41
C PRO A 233 -6.07 -5.49 17.19
N PRO A 234 -6.38 -4.24 17.57
CA PRO A 234 -5.50 -3.47 18.47
C PRO A 234 -5.64 -4.01 19.88
N LEU A 235 -4.82 -3.51 20.79
CA LEU A 235 -4.95 -3.86 22.21
CA LEU A 235 -4.95 -3.84 22.22
C LEU A 235 -6.07 -3.03 22.85
N CYS A 236 -6.92 -3.70 23.64
CA CYS A 236 -7.93 -3.00 24.41
C CYS A 236 -7.59 -3.27 25.85
N LEU A 237 -7.08 -2.26 26.53
CA LEU A 237 -6.62 -2.44 27.89
C LEU A 237 -7.68 -1.87 28.78
N ASP A 238 -7.98 -2.56 29.87
CA ASP A 238 -8.94 -2.04 30.82
C ASP A 238 -8.39 -0.71 31.30
N GLU A 239 -9.21 0.33 31.26
CA GLU A 239 -8.70 1.59 31.76
C GLU A 239 -8.58 1.47 33.27
N SER A 240 -7.57 2.13 33.82
CA SER A 240 -7.31 1.99 35.25
C SER A 240 -8.39 2.76 36.02
N GLY A 241 -8.66 2.30 37.23
CA GLY A 241 -9.73 2.86 38.01
C GLY A 241 -9.36 4.20 38.59
N GLN A 242 -10.29 4.80 39.33
CA GLN A 242 -9.92 5.89 40.20
C GLN A 242 -9.38 5.30 41.50
N ILE A 243 -8.24 4.63 41.33
CA ILE A 243 -7.44 4.00 42.38
C ILE A 243 -6.90 5.04 43.39
N SER A 244 -6.51 4.55 44.57
CA SER A 244 -6.11 5.40 45.71
C SER A 244 -4.61 5.83 45.63
N ARG A 245 -4.24 6.31 44.44
CA ARG A 245 -2.87 6.79 44.08
C ARG A 245 -2.88 7.57 42.76
N THR A 246 -1.89 8.46 42.61
C ACT B . -8.05 19.83 -4.15
O ACT B . -9.14 19.28 -3.89
OXT ACT B . -7.22 19.91 -3.20
CH3 ACT B . -7.73 20.40 -5.51
C ACT C . 4.21 -14.21 -18.03
O ACT C . 4.05 -15.00 -17.05
OXT ACT C . 3.76 -13.07 -17.95
CH3 ACT C . 4.87 -14.63 -19.30
C ACT D . 20.40 -13.58 -1.52
O ACT D . 19.15 -13.63 -1.59
OXT ACT D . 21.01 -12.80 -2.32
CH3 ACT D . 21.13 -14.46 -0.52
C ACT E . 8.75 -3.61 0.67
O ACT E . 9.26 -4.02 -0.39
OXT ACT E . 8.78 -2.35 0.77
CH3 ACT E . 8.17 -4.54 1.72
C ACT F . -2.09 2.62 -10.19
O ACT F . -0.95 2.90 -9.73
OXT ACT F . -2.79 1.85 -9.50
CH3 ACT F . -2.59 3.18 -11.49
C ACT G . 3.53 -16.98 1.37
O ACT G . 2.39 -17.52 1.50
OXT ACT G . 4.43 -17.63 0.72
CH3 ACT G . 3.78 -15.65 2.00
C ACT H . 8.90 -13.13 -19.59
O ACT H . 7.93 -12.41 -19.30
OXT ACT H . 9.85 -13.12 -18.78
CH3 ACT H . 8.88 -13.92 -20.87
C ACT I . 8.63 5.66 -5.37
O ACT I . 9.53 6.33 -4.83
OXT ACT I . 7.90 5.03 -4.57
CH3 ACT I . 8.52 5.65 -6.88
C ACT J . -5.53 9.99 12.42
O ACT J . -5.24 10.76 13.35
OXT ACT J . -4.76 10.00 11.41
CH3 ACT J . -6.76 9.13 12.54
C ACT K . -11.24 3.63 20.86
O ACT K . -11.75 2.68 21.50
OXT ACT K . -10.80 4.59 21.55
CH3 ACT K . -11.11 3.60 19.35
C ACT L . -8.83 1.04 -5.55
O ACT L . -9.43 1.93 -4.86
OXT ACT L . -7.86 0.41 -5.00
CH3 ACT L . -9.21 0.77 -6.96
CL CL M . -0.44 0.45 4.82
CL CL N . -1.64 -17.59 -10.11
C1 GOL O . -1.90 -0.89 9.99
O1 GOL O . -0.49 -1.11 9.99
C2 GOL O . -2.30 -0.04 8.77
O2 GOL O . -1.23 0.37 7.96
C3 GOL O . -3.13 -0.83 7.79
O3 GOL O . -4.22 -0.02 7.68
C ACT P . 6.18 25.07 0.44
O ACT P . 6.57 24.25 -0.43
OXT ACT P . 5.67 26.15 0.08
CH3 ACT P . 6.30 24.85 1.90
C ACT Q . -10.02 -0.83 1.69
O ACT Q . -10.57 -0.66 0.57
OXT ACT Q . -9.31 0.10 2.01
CH3 ACT Q . -10.25 -2.08 2.52
C ACT R . 3.88 13.42 4.20
O ACT R . 4.43 13.96 5.19
OXT ACT R . 2.64 13.57 4.06
CH3 ACT R . 4.74 12.62 3.23
C ACT S . 9.12 -17.27 -21.75
O ACT S . 7.98 -16.75 -21.77
OXT ACT S . 9.56 -17.65 -22.86
CH3 ACT S . 9.88 -17.42 -20.47
C1 GOL T . 7.38 10.00 8.25
O1 GOL T . 7.42 8.82 9.01
C2 GOL T . 6.04 10.68 8.53
O2 GOL T . 6.09 11.44 9.72
C3 GOL T . 5.62 11.57 7.38
O3 GOL T . 6.17 12.85 7.59
#